data_8UUY
#
_entry.id   8UUY
#
_cell.length_a   113.547
_cell.length_b   113.547
_cell.length_c   220.215
_cell.angle_alpha   90.000
_cell.angle_beta   90.000
_cell.angle_gamma   90.000
#
_symmetry.space_group_name_H-M   'I 41 2 2'
#
loop_
_entity.id
_entity.type
_entity.pdbx_description
1 polymer 'Papain-like protease nsp3'
2 non-polymer N-{(1R)-1-[(3P,5P)-3-[5-(aminomethyl)thiophen-2-yl]-5-(thiophen-2-yl)phenyl]ethyl}-5-[2-(dimethylamino)ethoxy]-2-methylbenzamide
3 non-polymer DI(HYDROXYETHYL)ETHER
4 non-polymer 'TRIETHYLENE GLYCOL'
5 non-polymer 'ACETATE ION'
6 non-polymer 'ZINC ION'
7 non-polymer 'CHLORIDE ION'
8 water water
#
_entity_poly.entity_id   1
_entity_poly.type   'polypeptide(L)'
_entity_poly.pdbx_seq_one_letter_code
;SNAEVRTIKVFTTVDNINLHTQVVDMSMTYGQQFGPTYLDGADVTKIKPHNSHEGKTFYVLPNDDTLRVEAFEYYHTTDP
SFLGRYMSALNHTKKWKYPQVNGLTSIKWADNNCYLATALLTLQQIELKFNPPALQDAYYRARAGEAANFCALILAYCNK
TVGELGDVRETMSYLFQHANLDSCKRVLNVVCKTCGQQQTTLKGVEAVMYMGTLSYEQFKKGVQIPCTCGKQATKYLVQQ
ESPFVMMSAPPAQYELKHGTFTCASEYTGNYQCGHYKHITSKETLYCIDGALLTKSSEYKGPITDVFYKENSYTTTIK
;
_entity_poly.pdbx_strand_id   A
#
loop_
_chem_comp.id
_chem_comp.type
_chem_comp.name
_chem_comp.formula
ACT non-polymer 'ACETATE ION' 'C2 H3 O2 -1'
CL non-polymer 'CHLORIDE ION' 'Cl -1'
PEG non-polymer DI(HYDROXYETHYL)ETHER 'C4 H10 O3'
PGE non-polymer 'TRIETHYLENE GLYCOL' 'C6 H14 O4'
Y2R non-polymer N-{(1R)-1-[(3P,5P)-3-[5-(aminomethyl)thiophen-2-yl]-5-(thiophen-2-yl)phenyl]ethyl}-5-[2-(dimethylamino)ethoxy]-2-methylbenzamide 'C29 H33 N3 O2 S2'
ZN non-polymer 'ZINC ION' 'Zn 2'
#
# COMPACT_ATOMS: atom_id res chain seq x y z
N THR A 7 15.95 39.55 -4.69
CA THR A 7 15.21 38.88 -3.63
C THR A 7 13.77 38.61 -4.05
N ILE A 8 13.31 37.37 -3.82
CA ILE A 8 11.97 36.95 -4.21
C ILE A 8 11.24 36.42 -2.98
N LYS A 9 9.93 36.27 -3.12
CA LYS A 9 9.07 35.74 -2.07
C LYS A 9 8.55 34.36 -2.49
N VAL A 10 8.72 33.38 -1.60
CA VAL A 10 8.31 32.01 -1.84
C VAL A 10 7.49 31.51 -0.65
N PHE A 11 7.04 30.26 -0.75
CA PHE A 11 6.25 29.63 0.30
C PHE A 11 6.92 28.33 0.73
N THR A 12 7.07 28.14 2.04
CA THR A 12 7.56 26.90 2.60
C THR A 12 6.44 26.18 3.33
N THR A 13 6.47 24.85 3.29
CA THR A 13 5.48 24.05 3.97
C THR A 13 6.04 22.65 4.19
N VAL A 14 5.43 21.94 5.14
CA VAL A 14 5.71 20.53 5.33
C VAL A 14 4.57 19.64 4.89
N ASP A 15 3.36 20.18 4.74
CA ASP A 15 2.18 19.38 4.42
C ASP A 15 1.47 19.83 3.14
N ASN A 16 1.92 20.91 2.51
CA ASN A 16 1.28 21.51 1.34
C ASN A 16 -0.16 21.95 1.61
N ILE A 17 -0.60 21.89 2.86
CA ILE A 17 -1.89 22.44 3.26
C ILE A 17 -1.74 23.77 3.97
N ASN A 18 -0.89 23.80 5.00
CA ASN A 18 -0.56 25.03 5.71
C ASN A 18 0.70 25.60 5.09
N LEU A 19 0.54 26.69 4.34
CA LEU A 19 1.67 27.34 3.67
C LEU A 19 2.20 28.49 4.51
N HIS A 20 3.52 28.60 4.58
CA HIS A 20 4.19 29.66 5.32
C HIS A 20 4.99 30.52 4.34
N THR A 21 4.74 31.83 4.38
CA THR A 21 5.35 32.76 3.44
C THR A 21 6.73 33.20 3.92
N GLN A 22 7.69 33.22 3.00
CA GLN A 22 9.06 33.60 3.31
C GLN A 22 9.61 34.44 2.17
N VAL A 23 10.70 35.14 2.46
CA VAL A 23 11.41 35.95 1.46
C VAL A 23 12.87 35.55 1.49
N VAL A 24 13.43 35.23 0.32
CA VAL A 24 14.79 34.75 0.22
C VAL A 24 15.63 35.80 -0.50
N ASP A 25 16.94 35.61 -0.45
CA ASP A 25 17.90 36.48 -1.12
C ASP A 25 18.64 35.69 -2.19
N MET A 26 19.03 36.39 -3.26
CA MET A 26 19.72 35.75 -4.36
C MET A 26 21.13 35.31 -3.98
N SER A 27 21.74 35.96 -2.98
CA SER A 27 23.13 35.67 -2.65
C SER A 27 23.27 34.27 -2.03
N MET A 28 22.44 33.96 -1.05
CA MET A 28 22.52 32.69 -0.35
C MET A 28 21.59 31.67 -1.00
N THR A 29 22.01 30.40 -0.93
CA THR A 29 21.22 29.32 -1.47
C THR A 29 20.07 28.98 -0.51
N TYR A 30 19.20 28.07 -0.96
CA TYR A 30 18.08 27.65 -0.12
C TYR A 30 18.56 26.92 1.12
N GLY A 31 19.64 26.16 1.01
CA GLY A 31 20.17 25.43 2.15
C GLY A 31 20.69 26.32 3.27
N GLN A 32 21.03 27.57 2.95
CA GLN A 32 21.46 28.50 3.97
C GLN A 32 20.29 28.96 4.83
N GLN A 33 19.21 29.43 4.19
CA GLN A 33 18.10 30.03 4.92
C GLN A 33 17.10 28.97 5.40
N PHE A 34 16.54 28.20 4.46
CA PHE A 34 15.52 27.22 4.82
C PHE A 34 16.12 25.94 5.39
N GLY A 35 17.32 25.57 4.95
CA GLY A 35 17.86 24.26 5.21
C GLY A 35 17.57 23.35 4.05
N PRO A 36 17.43 22.05 4.31
CA PRO A 36 17.05 21.11 3.24
C PRO A 36 15.72 21.50 2.60
N THR A 37 15.76 21.93 1.34
CA THR A 37 14.57 22.39 0.63
C THR A 37 14.37 21.56 -0.63
N TYR A 38 13.12 21.21 -0.91
CA TYR A 38 12.77 20.44 -2.08
C TYR A 38 11.71 21.18 -2.88
N LEU A 39 11.82 21.13 -4.20
CA LEU A 39 10.86 21.76 -5.10
C LEU A 39 10.24 20.67 -5.98
N ASP A 40 9.02 20.26 -5.62
CA ASP A 40 8.26 19.27 -6.38
C ASP A 40 9.04 17.97 -6.55
N GLY A 41 9.93 17.67 -5.61
CA GLY A 41 10.77 16.48 -5.63
C GLY A 41 12.24 16.78 -5.81
N ALA A 42 12.59 17.84 -6.53
CA ALA A 42 13.98 18.16 -6.78
C ALA A 42 14.62 18.77 -5.54
N ASP A 43 15.74 18.19 -5.11
CA ASP A 43 16.49 18.70 -3.97
C ASP A 43 17.16 20.01 -4.37
N VAL A 44 16.63 21.13 -3.87
CA VAL A 44 17.15 22.46 -4.20
C VAL A 44 17.91 23.02 -3.01
N THR A 45 18.47 22.15 -2.17
CA THR A 45 19.27 22.60 -1.03
C THR A 45 20.52 23.33 -1.49
N LYS A 46 21.09 22.92 -2.63
CA LYS A 46 22.33 23.48 -3.14
C LYS A 46 22.10 24.35 -4.38
N ILE A 47 20.90 24.88 -4.57
CA ILE A 47 20.57 25.72 -5.72
C ILE A 47 20.17 27.10 -5.21
N LYS A 48 20.73 28.14 -5.83
CA LYS A 48 20.40 29.50 -5.45
C LYS A 48 19.03 29.90 -6.02
N PRO A 49 18.31 30.79 -5.35
CA PRO A 49 16.96 31.15 -5.79
C PRO A 49 16.97 31.79 -7.18
N HIS A 50 16.30 31.14 -8.13
CA HIS A 50 16.19 31.69 -9.46
C HIS A 50 15.00 32.64 -9.54
N ASN A 51 14.97 33.42 -10.63
CA ASN A 51 13.93 34.43 -10.79
C ASN A 51 12.56 33.80 -11.04
N SER A 52 12.53 32.62 -11.65
CA SER A 52 11.28 31.93 -11.92
C SER A 52 10.73 31.18 -10.70
N HIS A 53 11.40 31.27 -9.56
CA HIS A 53 10.94 30.60 -8.34
C HIS A 53 10.04 31.47 -7.49
N GLU A 54 9.87 32.74 -7.83
CA GLU A 54 9.05 33.63 -7.03
C GLU A 54 7.58 33.21 -7.11
N GLY A 55 6.97 32.96 -5.95
CA GLY A 55 5.57 32.58 -5.87
C GLY A 55 5.32 31.09 -5.80
N LYS A 56 6.35 30.26 -5.93
CA LYS A 56 6.18 28.82 -5.88
C LYS A 56 6.29 28.30 -4.45
N THR A 57 5.70 27.12 -4.21
CA THR A 57 5.68 26.51 -2.90
C THR A 57 6.85 25.54 -2.75
N PHE A 58 7.49 25.57 -1.60
CA PHE A 58 8.66 24.73 -1.33
C PHE A 58 8.40 23.84 -0.13
N TYR A 59 9.01 22.65 -0.16
CA TYR A 59 8.98 21.71 0.94
C TYR A 59 10.28 21.83 1.72
N VAL A 60 10.17 22.01 3.04
CA VAL A 60 11.32 22.15 3.91
C VAL A 60 11.18 21.22 5.11
N LEU A 61 12.31 20.73 5.60
CA LEU A 61 12.30 19.96 6.83
C LEU A 61 11.97 20.86 8.02
N PRO A 62 11.26 20.34 9.02
CA PRO A 62 10.81 21.19 10.14
C PRO A 62 11.98 21.74 10.92
N ASN A 63 12.08 23.07 10.96
CA ASN A 63 13.15 23.75 11.67
C ASN A 63 12.71 24.32 13.02
N ASP A 64 11.42 24.32 13.33
CA ASP A 64 10.91 24.75 14.63
C ASP A 64 9.75 23.84 15.02
N ASP A 65 9.22 24.07 16.23
CA ASP A 65 8.21 23.17 16.77
C ASP A 65 6.86 23.32 16.09
N THR A 66 6.58 24.46 15.48
CA THR A 66 5.31 24.63 14.78
C THR A 66 5.24 23.74 13.54
N LEU A 67 6.28 23.74 12.72
CA LEU A 67 6.30 22.88 11.55
C LEU A 67 6.53 21.42 11.91
N ARG A 68 7.04 21.13 13.11
CA ARG A 68 7.14 19.75 13.56
C ARG A 68 5.76 19.16 13.80
N VAL A 69 4.84 19.95 14.36
CA VAL A 69 3.50 19.46 14.62
C VAL A 69 2.71 19.32 13.32
N GLU A 70 2.82 20.31 12.42
CA GLU A 70 2.16 20.20 11.13
C GLU A 70 2.60 18.95 10.37
N ALA A 71 3.84 18.51 10.59
CA ALA A 71 4.33 17.32 9.90
C ALA A 71 3.67 16.06 10.44
N PHE A 72 3.47 15.97 11.76
CA PHE A 72 2.81 14.80 12.31
C PHE A 72 1.32 14.80 12.00
N GLU A 73 0.70 15.99 11.98
CA GLU A 73 -0.72 16.08 11.68
C GLU A 73 -1.05 15.50 10.32
N TYR A 74 -0.12 15.60 9.37
CA TYR A 74 -0.37 15.12 8.02
C TYR A 74 0.20 13.74 7.75
N TYR A 75 1.34 13.39 8.35
CA TYR A 75 2.03 12.16 8.00
C TYR A 75 2.01 11.11 9.10
N HIS A 76 1.72 11.47 10.35
CA HIS A 76 1.73 10.54 11.46
C HIS A 76 3.10 9.88 11.64
N THR A 77 4.15 10.71 11.65
CA THR A 77 5.49 10.21 11.92
C THR A 77 6.35 11.37 12.41
N THR A 78 7.31 11.04 13.27
CA THR A 78 8.33 11.99 13.71
C THR A 78 9.69 11.68 13.11
N ASP A 79 9.75 10.74 12.18
CA ASP A 79 11.00 10.37 11.53
C ASP A 79 11.49 11.53 10.66
N PRO A 80 12.65 12.12 10.95
CA PRO A 80 13.13 13.21 10.11
C PRO A 80 13.49 12.77 8.70
N SER A 81 13.93 11.52 8.53
CA SER A 81 14.28 11.03 7.21
C SER A 81 13.06 10.77 6.34
N PHE A 82 11.86 10.73 6.92
CA PHE A 82 10.67 10.45 6.13
C PHE A 82 10.49 11.48 5.02
N LEU A 83 10.62 12.77 5.36
CA LEU A 83 10.44 13.80 4.35
C LEU A 83 11.43 13.65 3.21
N GLY A 84 12.69 13.31 3.53
CA GLY A 84 13.69 13.14 2.48
C GLY A 84 13.40 11.95 1.58
N ARG A 85 13.04 10.82 2.18
CA ARG A 85 12.72 9.64 1.37
C ARG A 85 11.48 9.88 0.52
N TYR A 86 10.48 10.56 1.08
CA TYR A 86 9.25 10.84 0.33
C TYR A 86 9.53 11.73 -0.86
N MET A 87 10.30 12.81 -0.67
CA MET A 87 10.62 13.68 -1.80
C MET A 87 11.55 13.00 -2.80
N SER A 88 12.37 12.05 -2.33
CA SER A 88 13.22 11.30 -3.25
C SER A 88 12.39 10.36 -4.11
N ALA A 89 11.41 9.68 -3.52
CA ALA A 89 10.55 8.79 -4.29
C ALA A 89 9.66 9.58 -5.24
N LEU A 90 9.19 10.75 -4.81
CA LEU A 90 8.33 11.58 -5.66
C LEU A 90 9.05 11.97 -6.94
N ASN A 91 10.38 11.95 -6.94
CA ASN A 91 11.13 12.44 -8.09
C ASN A 91 10.99 11.52 -9.31
N HIS A 92 10.80 10.23 -9.08
CA HIS A 92 10.63 9.28 -10.21
C HIS A 92 9.14 8.97 -10.40
N THR A 93 8.35 8.95 -9.33
CA THR A 93 6.94 8.65 -9.45
C THR A 93 6.18 9.73 -10.23
N LYS A 94 6.59 10.99 -10.08
CA LYS A 94 5.99 12.05 -10.88
C LYS A 94 6.32 11.93 -12.36
N LYS A 95 7.30 11.10 -12.71
CA LYS A 95 7.68 10.86 -14.10
C LYS A 95 7.12 9.58 -14.66
N TRP A 96 6.44 8.77 -13.85
CA TRP A 96 5.80 7.56 -14.34
C TRP A 96 4.52 7.92 -15.09
N LYS A 97 4.04 6.97 -15.87
CA LYS A 97 2.78 7.10 -16.59
C LYS A 97 1.71 6.27 -15.89
N TYR A 98 0.55 6.86 -15.66
CA TYR A 98 -0.55 6.23 -14.92
C TYR A 98 -1.76 6.12 -15.83
N PRO A 99 -1.79 5.11 -16.71
CA PRO A 99 -2.94 4.95 -17.60
C PRO A 99 -4.14 4.34 -16.89
N GLN A 100 -5.31 4.58 -17.46
CA GLN A 100 -6.56 4.02 -16.95
C GLN A 100 -6.83 2.70 -17.66
N VAL A 101 -6.77 1.60 -16.91
CA VAL A 101 -6.97 0.27 -17.47
C VAL A 101 -8.26 -0.28 -16.88
N ASN A 102 -9.31 -0.33 -17.70
CA ASN A 102 -10.62 -0.87 -17.29
C ASN A 102 -11.21 -0.07 -16.12
N GLY A 103 -11.11 1.25 -16.20
CA GLY A 103 -11.62 2.11 -15.16
C GLY A 103 -10.78 2.18 -13.90
N LEU A 104 -9.63 1.50 -13.88
CA LEU A 104 -8.72 1.52 -12.75
C LEU A 104 -7.42 2.21 -13.11
N THR A 105 -6.81 2.86 -12.12
CA THR A 105 -5.56 3.58 -12.31
C THR A 105 -4.40 2.62 -12.11
N SER A 106 -3.63 2.39 -13.16
CA SER A 106 -2.47 1.51 -13.13
C SER A 106 -1.20 2.33 -13.32
N ILE A 107 -0.06 1.64 -13.36
CA ILE A 107 1.24 2.29 -13.57
C ILE A 107 1.97 1.54 -14.68
N LYS A 108 2.50 2.29 -15.64
CA LYS A 108 3.35 1.69 -16.66
C LYS A 108 4.66 1.22 -16.03
N TRP A 109 5.20 0.11 -16.55
CA TRP A 109 6.40 -0.48 -15.98
C TRP A 109 7.55 0.52 -16.01
N ALA A 110 8.14 0.76 -14.85
CA ALA A 110 9.30 1.64 -14.71
C ALA A 110 9.92 1.47 -13.34
N ASP A 111 11.23 1.22 -13.29
CA ASP A 111 11.98 1.15 -12.04
C ASP A 111 11.44 0.06 -11.12
N ASN A 112 11.09 -1.09 -11.70
CA ASN A 112 10.63 -2.26 -10.95
C ASN A 112 9.41 -1.94 -10.09
N ASN A 113 8.42 -1.28 -10.70
CA ASN A 113 7.22 -0.88 -9.98
C ASN A 113 6.06 -1.83 -10.19
N CYS A 114 6.33 -3.08 -10.59
CA CYS A 114 5.24 -4.02 -10.79
C CYS A 114 4.50 -4.31 -9.50
N TYR A 115 5.19 -4.28 -8.36
CA TYR A 115 4.52 -4.48 -7.08
C TYR A 115 3.75 -3.25 -6.64
N LEU A 116 4.16 -2.06 -7.11
CA LEU A 116 3.40 -0.86 -6.81
C LEU A 116 2.12 -0.79 -7.64
N ALA A 117 2.21 -1.19 -8.92
CA ALA A 117 1.01 -1.19 -9.76
C ALA A 117 -0.03 -2.17 -9.22
N THR A 118 0.40 -3.36 -8.79
CA THR A 118 -0.52 -4.31 -8.22
C THR A 118 -1.11 -3.79 -6.91
N ALA A 119 -0.30 -3.13 -6.08
CA ALA A 119 -0.81 -2.56 -4.85
C ALA A 119 -1.80 -1.44 -5.12
N LEU A 120 -1.50 -0.59 -6.11
CA LEU A 120 -2.40 0.52 -6.45
C LEU A 120 -3.74 -0.01 -6.97
N LEU A 121 -3.70 -0.97 -7.90
CA LEU A 121 -4.92 -1.53 -8.45
C LEU A 121 -5.74 -2.24 -7.39
N THR A 122 -5.08 -2.85 -6.41
CA THR A 122 -5.79 -3.57 -5.37
C THR A 122 -6.51 -2.62 -4.42
N LEU A 123 -5.84 -1.54 -4.02
CA LEU A 123 -6.46 -0.61 -3.08
C LEU A 123 -7.71 0.04 -3.66
N GLN A 124 -7.76 0.20 -4.99
CA GLN A 124 -8.94 0.78 -5.63
C GLN A 124 -10.13 -0.15 -5.63
N GLN A 125 -9.98 -1.38 -5.13
CA GLN A 125 -11.05 -2.36 -5.12
C GLN A 125 -11.43 -2.83 -3.73
N ILE A 126 -10.75 -2.36 -2.69
CA ILE A 126 -11.07 -2.69 -1.31
C ILE A 126 -11.37 -1.41 -0.54
N GLU A 127 -12.16 -1.56 0.52
CA GLU A 127 -12.62 -0.44 1.33
C GLU A 127 -11.60 -0.20 2.45
N LEU A 128 -10.87 0.91 2.36
CA LEU A 128 -9.81 1.20 3.31
C LEU A 128 -9.78 2.68 3.62
N LYS A 129 -9.59 3.00 4.90
CA LYS A 129 -9.50 4.38 5.39
C LYS A 129 -8.14 4.55 6.05
N PHE A 130 -7.29 5.38 5.47
CA PHE A 130 -5.95 5.60 6.01
C PHE A 130 -5.99 6.58 7.18
N ASN A 131 -5.14 6.32 8.18
CA ASN A 131 -5.04 7.24 9.31
C ASN A 131 -4.26 8.50 8.94
N PRO A 132 -3.08 8.44 8.32
CA PRO A 132 -2.39 9.69 7.94
C PRO A 132 -3.17 10.43 6.86
N PRO A 133 -3.53 11.69 7.10
CA PRO A 133 -4.22 12.47 6.06
C PRO A 133 -3.47 12.53 4.74
N ALA A 134 -2.13 12.49 4.79
CA ALA A 134 -1.36 12.48 3.55
C ALA A 134 -1.66 11.22 2.73
N LEU A 135 -1.85 10.09 3.40
CA LEU A 135 -2.21 8.87 2.68
C LEU A 135 -3.63 8.93 2.16
N GLN A 136 -4.55 9.56 2.90
CA GLN A 136 -5.93 9.59 2.48
C GLN A 136 -6.17 10.58 1.33
N ASP A 137 -5.56 11.77 1.41
CA ASP A 137 -5.73 12.74 0.34
C ASP A 137 -5.10 12.25 -0.96
N ALA A 138 -3.93 11.62 -0.87
CA ALA A 138 -3.32 11.03 -2.06
C ALA A 138 -4.10 9.82 -2.54
N TYR A 139 -4.76 9.10 -1.62
CA TYR A 139 -5.63 8.01 -2.01
C TYR A 139 -6.77 8.50 -2.90
N TYR A 140 -7.48 9.53 -2.46
CA TYR A 140 -8.55 10.10 -3.27
C TYR A 140 -8.02 10.60 -4.60
N ARG A 141 -6.89 11.31 -4.58
CA ARG A 141 -6.28 11.78 -5.83
C ARG A 141 -5.86 10.63 -6.72
N ALA A 142 -5.49 9.49 -6.13
CA ALA A 142 -5.12 8.33 -6.94
C ALA A 142 -6.35 7.75 -7.64
N ARG A 143 -7.46 7.61 -6.90
CA ARG A 143 -8.69 7.10 -7.50
C ARG A 143 -9.17 7.99 -8.65
N ALA A 144 -8.85 9.29 -8.59
CA ALA A 144 -9.21 10.17 -9.69
C ALA A 144 -8.35 9.91 -10.92
N GLY A 145 -7.05 9.68 -10.72
CA GLY A 145 -6.17 9.41 -11.83
C GLY A 145 -4.80 10.04 -11.67
N GLU A 146 -4.54 10.63 -10.50
CA GLU A 146 -3.26 11.25 -10.19
C GLU A 146 -2.68 10.55 -8.95
N ALA A 147 -1.99 9.44 -9.20
CA ALA A 147 -1.40 8.64 -8.13
C ALA A 147 0.09 8.89 -7.95
N ALA A 148 0.62 9.98 -8.53
CA ALA A 148 2.05 10.24 -8.41
C ALA A 148 2.45 10.45 -6.95
N ASN A 149 1.74 11.36 -6.25
CA ASN A 149 2.04 11.58 -4.83
C ASN A 149 1.72 10.37 -3.99
N PHE A 150 0.73 9.57 -4.40
CA PHE A 150 0.33 8.42 -3.59
C PHE A 150 1.40 7.33 -3.63
N CYS A 151 1.91 7.02 -4.82
CA CYS A 151 2.96 6.00 -4.92
C CYS A 151 4.24 6.45 -4.20
N ALA A 152 4.55 7.74 -4.23
CA ALA A 152 5.70 8.24 -3.50
C ALA A 152 5.55 7.99 -2.00
N LEU A 153 4.34 8.21 -1.46
CA LEU A 153 4.14 8.02 -0.03
C LEU A 153 4.23 6.55 0.36
N ILE A 154 3.73 5.66 -0.50
CA ILE A 154 3.81 4.23 -0.21
C ILE A 154 5.27 3.81 -0.05
N LEU A 155 6.14 4.26 -0.96
CA LEU A 155 7.55 3.96 -0.85
C LEU A 155 8.15 4.52 0.44
N ALA A 156 7.72 5.72 0.83
CA ALA A 156 8.24 6.32 2.05
C ALA A 156 7.76 5.56 3.28
N TYR A 157 6.47 5.24 3.34
CA TYR A 157 5.94 4.57 4.52
C TYR A 157 6.42 3.13 4.63
N CYS A 158 6.80 2.52 3.52
CA CYS A 158 7.29 1.14 3.52
C CYS A 158 8.80 1.06 3.62
N ASN A 159 9.50 2.19 3.74
CA ASN A 159 10.96 2.24 3.84
C ASN A 159 11.62 1.59 2.64
N LYS A 160 10.97 1.63 1.49
CA LYS A 160 11.52 1.16 0.23
C LYS A 160 12.02 2.34 -0.60
N THR A 161 12.96 2.03 -1.48
CA THR A 161 13.46 3.02 -2.43
C THR A 161 13.00 2.66 -3.83
N VAL A 162 13.06 3.64 -4.72
CA VAL A 162 12.71 3.39 -6.11
C VAL A 162 13.68 2.38 -6.70
N GLY A 163 13.15 1.46 -7.50
CA GLY A 163 13.93 0.38 -8.06
C GLY A 163 14.09 -0.83 -7.18
N GLU A 164 13.85 -0.70 -5.88
CA GLU A 164 13.95 -1.83 -4.97
C GLU A 164 12.89 -2.88 -5.28
N LEU A 165 13.20 -4.12 -4.90
CA LEU A 165 12.28 -5.24 -5.10
C LEU A 165 11.34 -5.31 -3.90
N GLY A 166 10.04 -5.22 -4.16
CA GLY A 166 9.05 -5.15 -3.11
C GLY A 166 8.04 -6.28 -3.19
N ASP A 167 7.59 -6.74 -2.03
CA ASP A 167 6.58 -7.78 -1.90
C ASP A 167 5.22 -7.13 -1.72
N VAL A 168 4.24 -7.56 -2.54
CA VAL A 168 2.92 -6.94 -2.48
C VAL A 168 2.27 -7.19 -1.12
N ARG A 169 2.45 -8.40 -0.57
CA ARG A 169 1.92 -8.68 0.77
C ARG A 169 2.60 -7.82 1.83
N GLU A 170 3.92 -7.68 1.76
CA GLU A 170 4.61 -6.83 2.72
C GLU A 170 4.20 -5.37 2.55
N THR A 171 3.98 -4.93 1.31
CA THR A 171 3.51 -3.57 1.07
C THR A 171 2.13 -3.36 1.66
N MET A 172 1.21 -4.31 1.44
CA MET A 172 -0.12 -4.21 2.04
C MET A 172 -0.04 -4.24 3.56
N SER A 173 0.87 -5.05 4.11
CA SER A 173 0.98 -5.16 5.56
C SER A 173 1.35 -3.82 6.19
N TYR A 174 2.31 -3.11 5.59
CA TYR A 174 2.67 -1.79 6.08
C TYR A 174 1.49 -0.82 5.96
N LEU A 175 0.74 -0.90 4.86
CA LEU A 175 -0.35 0.03 4.64
C LEU A 175 -1.51 -0.21 5.61
N PHE A 176 -1.75 -1.47 5.98
CA PHE A 176 -2.83 -1.77 6.91
C PHE A 176 -2.55 -1.23 8.31
N GLN A 177 -1.27 -1.19 8.69
CA GLN A 177 -0.91 -0.64 10.00
C GLN A 177 -1.14 0.85 10.07
N HIS A 178 -1.17 1.54 8.93
CA HIS A 178 -1.50 2.95 8.85
C HIS A 178 -2.96 3.18 8.41
N ALA A 179 -3.82 2.20 8.64
CA ALA A 179 -5.23 2.31 8.30
C ALA A 179 -6.07 1.92 9.52
N ASN A 180 -7.32 2.38 9.51
CA ASN A 180 -8.24 2.11 10.63
C ASN A 180 -8.86 0.74 10.41
N LEU A 181 -8.24 -0.27 11.02
CA LEU A 181 -8.79 -1.62 11.05
C LEU A 181 -9.17 -2.04 12.47
N ASP A 182 -9.41 -1.07 13.35
CA ASP A 182 -9.76 -1.39 14.73
C ASP A 182 -11.12 -2.08 14.81
N SER A 183 -12.01 -1.81 13.86
CA SER A 183 -13.32 -2.45 13.82
C SER A 183 -13.27 -3.85 13.23
N CYS A 184 -12.10 -4.33 12.84
CA CYS A 184 -11.95 -5.66 12.25
C CYS A 184 -11.56 -6.67 13.31
N LYS A 185 -12.31 -7.77 13.36
CA LYS A 185 -12.05 -8.85 14.30
C LYS A 185 -12.07 -10.18 13.56
N ARG A 186 -11.37 -11.16 14.13
CA ARG A 186 -11.35 -12.51 13.59
C ARG A 186 -11.06 -13.46 14.74
N VAL A 187 -11.99 -14.37 15.03
CA VAL A 187 -11.78 -15.40 16.04
C VAL A 187 -11.52 -16.73 15.31
N LEU A 188 -10.56 -17.49 15.83
CA LEU A 188 -10.19 -18.76 15.25
C LEU A 188 -10.34 -19.85 16.32
N ASN A 189 -10.45 -21.09 15.86
CA ASN A 189 -10.56 -22.23 16.75
C ASN A 189 -9.58 -23.29 16.28
N VAL A 190 -8.59 -23.60 17.12
CA VAL A 190 -7.62 -24.65 16.85
C VAL A 190 -8.02 -25.86 17.68
N VAL A 191 -8.29 -26.97 17.02
CA VAL A 191 -8.73 -28.20 17.66
C VAL A 191 -7.56 -29.17 17.68
N CYS A 192 -6.99 -29.40 18.87
CA CYS A 192 -5.85 -30.29 19.04
C CYS A 192 -6.32 -31.61 19.65
N LYS A 193 -5.80 -32.71 19.11
CA LYS A 193 -6.19 -34.03 19.60
C LYS A 193 -5.74 -34.26 21.04
N THR A 194 -4.59 -33.71 21.43
CA THR A 194 -4.08 -33.85 22.79
C THR A 194 -4.37 -32.62 23.64
N CYS A 195 -3.93 -31.46 23.17
CA CYS A 195 -4.09 -30.22 23.95
C CYS A 195 -5.55 -29.84 24.14
N GLY A 196 -6.45 -30.38 23.33
CA GLY A 196 -7.86 -30.06 23.46
C GLY A 196 -8.33 -29.02 22.46
N GLN A 197 -9.22 -28.13 22.89
CA GLN A 197 -9.76 -27.08 22.04
C GLN A 197 -9.34 -25.71 22.58
N GLN A 198 -8.76 -24.89 21.73
CA GLN A 198 -8.31 -23.55 22.10
C GLN A 198 -8.77 -22.55 21.05
N GLN A 199 -9.41 -21.47 21.51
CA GLN A 199 -9.92 -20.42 20.63
C GLN A 199 -9.16 -19.13 20.89
N THR A 200 -8.63 -18.53 19.83
CA THR A 200 -7.97 -17.24 19.88
C THR A 200 -8.81 -16.19 19.17
N THR A 201 -8.44 -14.93 19.36
CA THR A 201 -9.17 -13.80 18.79
C THR A 201 -8.17 -12.77 18.28
N LEU A 202 -8.25 -12.47 16.98
CA LEU A 202 -7.37 -11.49 16.35
C LEU A 202 -8.16 -10.22 16.02
N LYS A 203 -7.50 -9.07 16.17
CA LYS A 203 -8.07 -7.80 15.81
C LYS A 203 -7.06 -6.99 15.02
N GLY A 204 -7.56 -5.98 14.30
CA GLY A 204 -6.68 -5.09 13.58
C GLY A 204 -6.10 -5.76 12.35
N VAL A 205 -4.82 -5.51 12.10
CA VAL A 205 -4.19 -5.94 10.85
C VAL A 205 -4.10 -7.46 10.79
N GLU A 206 -3.77 -8.11 11.90
CA GLU A 206 -3.63 -9.56 11.91
C GLU A 206 -4.97 -10.28 11.78
N ALA A 207 -6.08 -9.55 11.79
CA ALA A 207 -7.40 -10.15 11.60
C ALA A 207 -7.82 -10.21 10.14
N VAL A 208 -7.12 -9.54 9.24
CA VAL A 208 -7.46 -9.50 7.83
C VAL A 208 -6.41 -10.13 6.93
N MET A 209 -5.33 -10.66 7.48
CA MET A 209 -4.27 -11.30 6.70
C MET A 209 -4.05 -12.72 7.20
N TYR A 210 -3.80 -13.62 6.27
CA TYR A 210 -3.41 -14.98 6.62
C TYR A 210 -2.46 -15.51 5.56
N MET A 211 -1.39 -16.16 6.01
CA MET A 211 -0.44 -16.80 5.13
C MET A 211 -0.61 -18.31 5.23
N GLY A 212 -0.70 -18.98 4.09
CA GLY A 212 -0.80 -20.42 4.07
C GLY A 212 -1.65 -20.97 2.95
N THR A 213 -2.82 -20.37 2.73
CA THR A 213 -3.75 -20.83 1.71
C THR A 213 -4.31 -19.64 0.96
N LEU A 214 -4.80 -19.92 -0.25
CA LEU A 214 -5.44 -18.91 -1.09
C LEU A 214 -6.96 -18.99 -1.07
N SER A 215 -7.53 -20.16 -0.79
CA SER A 215 -8.97 -20.37 -0.85
C SER A 215 -9.59 -19.96 0.49
N TYR A 216 -10.46 -18.94 0.44
CA TYR A 216 -11.18 -18.54 1.64
C TYR A 216 -12.08 -19.66 2.15
N GLU A 217 -12.61 -20.49 1.23
CA GLU A 217 -13.41 -21.64 1.64
C GLU A 217 -12.57 -22.63 2.45
N GLN A 218 -11.31 -22.83 2.04
CA GLN A 218 -10.45 -23.75 2.77
C GLN A 218 -10.14 -23.23 4.16
N PHE A 219 -9.98 -21.91 4.31
CA PHE A 219 -9.78 -21.34 5.63
C PHE A 219 -11.03 -21.46 6.49
N LYS A 220 -12.21 -21.47 5.87
CA LYS A 220 -13.44 -21.69 6.61
C LYS A 220 -13.57 -23.15 7.02
N LYS A 221 -13.27 -24.07 6.10
CA LYS A 221 -13.36 -25.49 6.42
C LYS A 221 -12.29 -25.91 7.43
N GLY A 222 -11.10 -25.31 7.36
CA GLY A 222 -10.05 -25.63 8.29
C GLY A 222 -8.74 -26.02 7.62
N VAL A 223 -7.63 -25.54 8.16
CA VAL A 223 -6.30 -25.86 7.65
C VAL A 223 -5.53 -26.61 8.72
N GLN A 224 -4.63 -27.49 8.27
CA GLN A 224 -3.84 -28.31 9.17
C GLN A 224 -2.56 -27.56 9.55
N ILE A 225 -2.52 -27.06 10.78
CA ILE A 225 -1.33 -26.39 11.30
C ILE A 225 -0.75 -27.24 12.43
N PRO A 226 0.57 -27.38 12.52
CA PRO A 226 1.15 -28.22 13.58
C PRO A 226 1.09 -27.54 14.94
N CYS A 227 0.73 -28.33 15.95
CA CYS A 227 0.75 -27.90 17.35
C CYS A 227 2.07 -28.33 18.00
N THR A 228 2.30 -27.82 19.21
CA THR A 228 3.58 -28.06 19.89
C THR A 228 3.79 -29.54 20.20
N CYS A 229 2.72 -30.28 20.49
CA CYS A 229 2.82 -31.70 20.80
C CYS A 229 2.90 -32.57 19.54
N GLY A 230 2.77 -31.99 18.35
CA GLY A 230 2.83 -32.73 17.11
C GLY A 230 1.49 -32.99 16.47
N LYS A 231 0.40 -32.87 17.22
CA LYS A 231 -0.92 -33.14 16.68
C LYS A 231 -1.37 -31.98 15.79
N GLN A 232 -1.63 -32.27 14.53
CA GLN A 232 -2.00 -31.25 13.56
C GLN A 232 -3.41 -30.72 13.87
N ALA A 233 -3.48 -29.49 14.37
CA ALA A 233 -4.77 -28.88 14.67
C ALA A 233 -5.44 -28.40 13.39
N THR A 234 -6.77 -28.40 13.39
CA THR A 234 -7.56 -27.96 12.25
C THR A 234 -8.06 -26.55 12.53
N LYS A 235 -7.18 -25.57 12.29
CA LYS A 235 -7.53 -24.17 12.52
C LYS A 235 -8.55 -23.72 11.48
N TYR A 236 -9.80 -23.55 11.91
CA TYR A 236 -10.86 -23.08 11.03
C TYR A 236 -11.38 -21.74 11.54
N LEU A 237 -11.87 -20.92 10.60
CA LEU A 237 -12.38 -19.60 10.94
C LEU A 237 -13.76 -19.73 11.56
N VAL A 238 -13.98 -19.02 12.67
CA VAL A 238 -15.26 -19.04 13.37
C VAL A 238 -16.08 -17.80 13.06
N GLN A 239 -15.50 -16.61 13.24
CA GLN A 239 -16.21 -15.37 12.97
C GLN A 239 -15.24 -14.40 12.30
N GLN A 240 -15.78 -13.58 11.40
CA GLN A 240 -14.97 -12.64 10.62
C GLN A 240 -15.79 -11.38 10.40
N GLU A 241 -15.47 -10.31 11.10
CA GLU A 241 -16.13 -9.02 10.94
C GLU A 241 -15.11 -8.05 10.34
N SER A 242 -14.96 -8.11 9.02
CA SER A 242 -14.02 -7.26 8.31
C SER A 242 -14.55 -6.98 6.91
N PRO A 243 -14.34 -5.78 6.37
CA PRO A 243 -14.82 -5.48 5.01
C PRO A 243 -14.11 -6.25 3.92
N PHE A 244 -13.00 -6.91 4.22
CA PHE A 244 -12.28 -7.73 3.25
C PHE A 244 -11.38 -8.69 4.01
N VAL A 245 -10.82 -9.65 3.27
CA VAL A 245 -9.80 -10.56 3.79
C VAL A 245 -8.77 -10.78 2.70
N MET A 246 -7.50 -10.90 3.11
CA MET A 246 -6.41 -11.21 2.21
C MET A 246 -5.91 -12.62 2.50
N MET A 247 -6.04 -13.50 1.51
CA MET A 247 -5.51 -14.85 1.57
C MET A 247 -4.17 -14.87 0.84
N SER A 248 -3.09 -15.08 1.59
CA SER A 248 -1.75 -15.14 1.01
C SER A 248 -1.19 -16.54 1.13
N ALA A 249 -0.38 -16.92 0.15
CA ALA A 249 0.28 -18.21 0.12
C ALA A 249 1.43 -18.13 -0.87
N PRO A 250 2.48 -18.91 -0.68
CA PRO A 250 3.61 -18.91 -1.63
C PRO A 250 3.11 -19.18 -3.03
N PRO A 251 3.78 -18.63 -4.05
CA PRO A 251 3.27 -18.72 -5.42
C PRO A 251 3.09 -20.17 -5.87
N ALA A 252 1.88 -20.47 -6.33
CA ALA A 252 1.55 -21.81 -6.80
C ALA A 252 0.46 -21.69 -7.86
N GLN A 253 0.34 -22.73 -8.68
CA GLN A 253 -0.69 -22.77 -9.70
C GLN A 253 -2.07 -22.78 -9.05
N TYR A 254 -2.94 -21.89 -9.50
CA TYR A 254 -4.26 -21.71 -8.90
C TYR A 254 -5.24 -21.33 -10.00
N GLU A 255 -6.40 -21.96 -10.00
CA GLU A 255 -7.45 -21.64 -10.96
C GLU A 255 -8.34 -20.55 -10.37
N LEU A 256 -8.54 -19.47 -11.14
CA LEU A 256 -9.39 -18.37 -10.73
C LEU A 256 -10.65 -18.36 -11.59
N LYS A 257 -11.80 -18.20 -10.94
CA LYS A 257 -13.09 -18.15 -11.61
C LYS A 257 -13.72 -16.79 -11.37
N HIS A 258 -14.36 -16.22 -12.40
CA HIS A 258 -14.95 -14.90 -12.25
C HIS A 258 -16.14 -14.98 -11.29
N GLY A 259 -16.19 -14.04 -10.35
CA GLY A 259 -17.26 -13.96 -9.38
C GLY A 259 -16.96 -14.62 -8.04
N THR A 260 -15.88 -15.39 -7.94
CA THR A 260 -15.53 -16.05 -6.69
C THR A 260 -14.53 -15.28 -5.86
N PHE A 261 -14.01 -14.17 -6.37
CA PHE A 261 -13.01 -13.37 -5.67
C PHE A 261 -13.06 -11.95 -6.20
N THR A 262 -12.39 -11.05 -5.50
CA THR A 262 -12.32 -9.66 -5.93
C THR A 262 -11.14 -9.43 -6.87
N CYS A 263 -9.92 -9.67 -6.38
CA CYS A 263 -8.72 -9.51 -7.19
C CYS A 263 -7.63 -10.42 -6.64
N ALA A 264 -6.60 -10.63 -7.46
CA ALA A 264 -5.51 -11.55 -7.11
C ALA A 264 -4.18 -10.99 -7.59
N SER A 265 -3.10 -11.52 -7.02
CA SER A 265 -1.74 -11.14 -7.37
C SER A 265 -1.05 -12.33 -8.04
N GLU A 266 -0.69 -12.18 -9.31
CA GLU A 266 0.10 -13.17 -10.00
C GLU A 266 1.58 -12.85 -9.86
N TYR A 267 2.38 -13.85 -9.49
CA TYR A 267 3.82 -13.68 -9.38
C TYR A 267 4.51 -14.74 -10.22
N THR A 268 5.26 -14.30 -11.23
CA THR A 268 6.03 -15.17 -12.10
C THR A 268 7.51 -14.84 -11.98
N GLY A 269 8.34 -15.87 -11.91
CA GLY A 269 9.78 -15.72 -11.88
C GLY A 269 10.38 -16.22 -10.59
N ASN A 270 11.66 -15.90 -10.41
CA ASN A 270 12.42 -16.32 -9.26
C ASN A 270 12.06 -15.48 -8.03
N TYR A 271 12.48 -15.97 -6.87
CA TYR A 271 12.31 -15.21 -5.64
C TYR A 271 12.96 -13.84 -5.78
N GLN A 272 12.20 -12.80 -5.44
CA GLN A 272 12.68 -11.42 -5.38
C GLN A 272 12.95 -10.80 -6.76
N CYS A 273 13.60 -11.57 -7.64
CA CYS A 273 13.84 -11.11 -9.04
C CYS A 273 12.77 -11.70 -9.94
N GLY A 274 11.53 -11.19 -9.86
CA GLY A 274 10.42 -11.66 -10.67
C GLY A 274 9.50 -10.53 -11.11
N HIS A 275 8.27 -10.84 -11.51
CA HIS A 275 7.33 -9.83 -11.98
C HIS A 275 5.94 -10.09 -11.40
N TYR A 276 5.19 -9.01 -11.22
CA TYR A 276 3.85 -9.03 -10.64
C TYR A 276 2.83 -8.64 -11.70
N LYS A 277 1.76 -9.42 -11.82
CA LYS A 277 0.60 -9.09 -12.65
C LYS A 277 -0.65 -9.12 -11.79
N HIS A 278 -1.57 -8.19 -12.07
CA HIS A 278 -2.80 -8.05 -11.30
C HIS A 278 -3.98 -8.68 -12.04
N ILE A 279 -4.71 -9.54 -11.34
CA ILE A 279 -5.91 -10.19 -11.86
C ILE A 279 -7.11 -9.67 -11.09
N THR A 280 -8.14 -9.23 -11.82
CA THR A 280 -9.35 -8.69 -11.21
C THR A 280 -10.57 -9.35 -11.84
N SER A 281 -11.65 -9.41 -11.07
CA SER A 281 -12.87 -10.10 -11.46
C SER A 281 -13.99 -9.10 -11.71
N LYS A 282 -14.51 -9.09 -12.93
CA LYS A 282 -15.66 -8.28 -13.31
C LYS A 282 -16.73 -9.17 -13.93
N GLU A 283 -17.35 -8.70 -15.01
CA GLU A 283 -18.22 -9.60 -15.78
C GLU A 283 -17.42 -10.75 -16.35
N THR A 284 -16.13 -10.54 -16.58
CA THR A 284 -15.20 -11.58 -16.97
C THR A 284 -13.85 -11.25 -16.35
N LEU A 285 -12.97 -12.26 -16.28
CA LEU A 285 -11.68 -12.08 -15.65
C LEU A 285 -10.79 -11.18 -16.49
N TYR A 286 -10.15 -10.19 -15.85
CA TYR A 286 -9.24 -9.27 -16.51
C TYR A 286 -7.83 -9.45 -15.96
N CYS A 287 -6.84 -9.24 -16.83
CA CYS A 287 -5.43 -9.36 -16.48
C CYS A 287 -4.75 -8.03 -16.82
N ILE A 288 -4.29 -7.32 -15.78
CA ILE A 288 -3.70 -5.99 -15.95
C ILE A 288 -2.20 -6.09 -15.68
N ASP A 289 -1.40 -5.83 -16.71
CA ASP A 289 0.06 -5.75 -16.61
C ASP A 289 0.45 -4.35 -17.06
N GLY A 290 0.69 -3.46 -16.09
CA GLY A 290 0.99 -2.07 -16.41
C GLY A 290 -0.13 -1.40 -17.19
N ALA A 291 0.11 -1.19 -18.48
CA ALA A 291 -0.91 -0.65 -19.38
C ALA A 291 -1.59 -1.72 -20.21
N LEU A 292 -1.09 -2.95 -20.19
CA LEU A 292 -1.67 -4.03 -20.98
C LEU A 292 -2.86 -4.63 -20.27
N LEU A 293 -3.85 -5.06 -21.05
CA LEU A 293 -5.07 -5.62 -20.53
C LEU A 293 -5.44 -6.89 -21.30
N THR A 294 -5.83 -7.93 -20.58
CA THR A 294 -6.18 -9.21 -21.18
C THR A 294 -7.39 -9.77 -20.44
N LYS A 295 -8.48 -10.00 -21.18
CA LYS A 295 -9.69 -10.58 -20.61
C LYS A 295 -9.80 -12.06 -20.97
N SER A 296 -10.41 -12.83 -20.09
CA SER A 296 -10.60 -14.25 -20.31
C SER A 296 -11.73 -14.74 -19.40
N SER A 297 -12.36 -15.83 -19.81
CA SER A 297 -13.43 -16.40 -19.00
C SER A 297 -12.90 -17.23 -17.84
N GLU A 298 -11.76 -17.89 -18.03
CA GLU A 298 -11.09 -18.65 -16.99
C GLU A 298 -9.66 -18.16 -16.83
N TYR A 299 -9.00 -18.62 -15.77
CA TYR A 299 -7.61 -18.29 -15.54
C TYR A 299 -6.95 -19.37 -14.68
N LYS A 300 -5.76 -19.79 -15.09
CA LYS A 300 -4.91 -20.68 -14.31
C LYS A 300 -3.49 -20.14 -14.38
N GLY A 301 -2.89 -19.91 -13.21
CA GLY A 301 -1.54 -19.39 -13.14
C GLY A 301 -1.04 -19.27 -11.72
N PRO A 302 0.19 -18.79 -11.55
CA PRO A 302 0.78 -18.65 -10.21
C PRO A 302 0.18 -17.45 -9.48
N ILE A 303 -0.39 -17.71 -8.30
CA ILE A 303 -1.08 -16.69 -7.52
C ILE A 303 -0.51 -16.69 -6.11
N THR A 304 -0.17 -15.51 -5.60
CA THR A 304 0.34 -15.36 -4.24
C THR A 304 -0.73 -14.84 -3.27
N ASP A 305 -1.55 -13.89 -3.70
CA ASP A 305 -2.55 -13.27 -2.85
C ASP A 305 -3.89 -13.27 -3.58
N VAL A 306 -4.96 -13.52 -2.84
CA VAL A 306 -6.32 -13.43 -3.36
C VAL A 306 -7.15 -12.62 -2.37
N PHE A 307 -7.86 -11.62 -2.88
CA PHE A 307 -8.68 -10.75 -2.04
C PHE A 307 -10.15 -11.14 -2.19
N TYR A 308 -10.82 -11.26 -1.06
CA TYR A 308 -12.24 -11.58 -1.01
C TYR A 308 -12.99 -10.47 -0.26
N LYS A 309 -14.28 -10.37 -0.54
CA LYS A 309 -15.16 -9.44 0.16
C LYS A 309 -15.85 -10.14 1.34
N GLU A 310 -16.15 -9.36 2.37
CA GLU A 310 -16.72 -9.91 3.60
C GLU A 310 -17.46 -8.80 4.34
N ASN A 311 -18.48 -9.20 5.11
CA ASN A 311 -19.24 -8.27 5.93
C ASN A 311 -19.32 -8.76 7.37
N SER A 312 -20.08 -9.82 7.62
CA SER A 312 -20.19 -10.40 8.95
C SER A 312 -20.52 -11.87 8.78
N TYR A 313 -19.57 -12.74 9.10
CA TYR A 313 -19.67 -14.17 8.87
C TYR A 313 -19.51 -14.93 10.18
N THR A 314 -20.30 -15.99 10.34
CA THR A 314 -20.22 -16.87 11.50
C THR A 314 -20.31 -18.31 11.03
N THR A 315 -19.38 -19.15 11.47
CA THR A 315 -19.27 -20.51 10.96
C THR A 315 -20.42 -21.37 11.48
N THR A 316 -20.56 -22.55 10.87
CA THR A 316 -21.57 -23.53 11.27
C THR A 316 -20.91 -24.87 11.59
N ILE A 317 -19.82 -24.84 12.35
CA ILE A 317 -19.07 -26.05 12.72
C ILE A 317 -18.88 -26.04 14.24
N LYS A 318 -19.15 -27.18 14.87
CA LYS A 318 -18.96 -27.32 16.31
C LYS A 318 -17.85 -28.32 16.65
C1 Y2R B . 9.32 -9.64 -5.42
C1 Y2R B . 9.33 -9.68 -5.47
C2 Y2R B . 9.78 -9.68 -3.99
C2 Y2R B . 9.77 -9.73 -4.04
C3 Y2R B . 10.41 -8.57 -3.43
C3 Y2R B . 10.38 -8.60 -3.47
C4 Y2R B . 10.83 -8.54 -2.13
C4 Y2R B . 10.81 -8.59 -2.16
C5 Y2R B . 10.65 -9.66 -1.32
C5 Y2R B . 10.63 -9.71 -1.37
C7 Y2R B . 10.96 -10.74 0.80
C7 Y2R B . 10.91 -10.83 0.74
C8 Y2R B . 11.87 -10.51 1.97
C8 Y2R B . 11.72 -10.57 1.96
C10 Y2R B . 11.73 -8.72 3.67
C10 Y2R B . 10.80 -10.95 4.22
C11 Y2R B . 11.13 -11.02 4.26
C11 Y2R B . 11.47 -8.69 3.55
C12 Y2R B . 10.04 -10.79 -1.84
C12 Y2R B . 10.03 -10.84 -1.89
C13 Y2R B . 9.61 -10.81 -3.16
C13 Y2R B . 9.60 -10.86 -3.22
C14 Y2R B . 8.95 -12.05 -3.70
C14 Y2R B . 8.95 -12.10 -3.77
C17 Y2R B . 6.90 -13.40 -3.85
C17 Y2R B . 6.91 -13.46 -3.93
C18 Y2R B . 5.43 -13.19 -3.50
C18 Y2R B . 5.43 -13.19 -3.74
C19 Y2R B . 7.41 -14.75 -3.37
C19 Y2R B . 7.35 -14.77 -3.30
C20 Y2R B . 7.25 -15.21 -2.08
C20 Y2R B . 8.00 -15.75 -4.04
C21 Y2R B . 7.67 -16.48 -1.70
C21 Y2R B . 8.37 -16.95 -3.46
C22 Y2R B . 7.46 -16.96 -0.33
C22 Y2R B . 9.05 -17.99 -4.26
C23 Y2R B . 7.83 -18.18 0.22
C23 Y2R B . 9.54 -19.21 -3.85
C24 Y2R B . 7.45 -18.30 1.59
C24 Y2R B . 10.13 -19.96 -4.91
C25 Y2R B . 6.82 -17.20 2.04
C25 Y2R B . 10.05 -19.31 -6.09
C27 Y2R B . 8.28 -17.30 -2.66
C27 Y2R B . 8.07 -17.20 -2.12
C28 Y2R B . 8.45 -16.86 -3.96
C28 Y2R B . 7.41 -16.23 -1.37
C29 Y2R B . 9.07 -17.72 -4.98
C29 Y2R B . 7.10 -16.48 0.05
C30 Y2R B . 9.28 -17.46 -6.31
C30 Y2R B . 6.42 -15.66 0.94
C31 Y2R B . 9.88 -18.53 -7.01
C31 Y2R B . 6.30 -16.22 2.22
C32 Y2R B . 10.13 -19.62 -6.21
C32 Y2R B . 6.88 -17.46 2.33
C33 Y2R B . 10.74 -20.90 -6.61
C33 Y2R B . 6.94 -18.32 3.53
C36 Y2R B . 8.02 -15.58 -4.31
C36 Y2R B . 7.05 -15.02 -1.97
N16 Y2R B . 7.69 -12.27 -3.33
N16 Y2R B . 7.68 -12.31 -3.42
N34 Y2R B . 10.89 -21.83 -5.47
N34 Y2R B . 7.90 -19.43 3.34
N9 Y2R B . 11.15 -10.00 3.19
N9 Y2R B . 10.92 -9.99 3.09
O15 Y2R B . 9.56 -12.80 -4.46
O15 Y2R B . 9.58 -12.86 -4.50
O6 Y2R B . 11.11 -9.58 -0.03
O6 Y2R B . 11.07 -9.66 -0.07
S26 Y2R B . 6.66 -16.00 0.84
S26 Y2R B . 9.29 -17.79 -5.95
S35 Y2R B . 9.62 -19.33 -4.58
S35 Y2R B . 7.58 -17.95 0.83
C1 PEG C . -4.38 22.73 13.88
O1 PEG C . -3.93 21.67 14.70
C2 PEG C . -3.27 23.30 13.06
O2 PEG C . -3.66 24.56 12.53
C3 PEG C . -3.43 24.69 11.14
C4 PEG C . -4.60 24.19 10.37
O4 PEG C . -4.51 22.80 10.11
C1 PGE D . 11.10 -17.77 1.84
O1 PGE D . 11.69 -18.11 3.10
C2 PGE D . 11.59 -18.74 0.78
O2 PGE D . 12.99 -18.75 0.76
C3 PGE D . 13.55 -19.58 -0.25
C4 PGE D . 14.31 -18.72 -1.22
O4 PGE D . 14.27 -19.12 -5.22
C6 PGE D . 13.57 -20.14 -4.52
C5 PGE D . 13.26 -19.66 -3.12
O3 PGE D . 14.48 -19.44 -2.44
C ACT E . 15.75 0.00 2.57
O ACT E . 15.74 -0.98 1.78
OXT ACT E . 15.73 -0.01 3.84
CH3 ACT E . 15.83 1.42 1.93
ZN ZN F . -2.11 -12.69 -17.74
ZN ZN G . -1.34 -29.85 21.09
ZN ZN H . 1.99 27.44 11.11
ZN ZN I . -1.29 7.19 13.06
ZN ZN J . 3.99 4.55 11.14
ZN ZN K . 14.28 8.71 -12.40
ZN ZN L . 13.52 6.61 -12.60
ZN ZN M . 8.54 -5.88 -12.57
CL CL N . -0.89 5.83 11.14
CL CL O . 0.39 7.34 14.47
CL CL P . -15.68 -12.14 -3.26
#